data_4FMU
#
_entry.id   4FMU
#
_cell.length_a   51.547
_cell.length_b   77.277
_cell.length_c   78.864
_cell.angle_alpha   90.00
_cell.angle_beta   90.00
_cell.angle_gamma   90.00
#
_symmetry.space_group_name_H-M   'P 21 21 21'
#
loop_
_entity.id
_entity.type
_entity.pdbx_description
1 polymer 'Histone-lysine N-methyltransferase SETD2'
2 non-polymer 'ZINC ION'
3 non-polymer '(2S,5S)-2-amino-6-[(2R,3S,4R,5R)-5-(6-amino-9H-purin-9-yl)-3,4-dihydroxytetrahydrofuran-2-yl]-5-(propylamino)hexanoic acid'
4 non-polymer 'UNKNOWN ATOM OR ION'
5 water water
#
_entity_poly.entity_id   1
_entity_poly.type   'polypeptide(L)'
_entity_poly.pdbx_seq_one_letter_code
;GETSVPPGSALVGPSCVMDDFRDPQRWKECAKQGKMPCYFDLIEENVYLTERKKNKSHRDIKRMQCECTPLSKDERAQGE
IACGEDCLNRLLMIECSSRCPNGDYCSNRRFQRKQHADVEVILTEKKGWGLRAAKDLPSNTFVLEYCGEVLDHKEFKARV
KEYARNKNIHYYFMALKNDEIIDATQKGNCSRFMNHSCEPNCETQKWTVNGQLRVGFFTTKLVPSGSELTFDYQFQRYGK
EAQKCFCGSANCRGYLGGENRVSIRAAGGKMKKERSRK
;
_entity_poly.pdbx_strand_id   A
#
# COMPACT_ATOMS: atom_id res chain seq x y z
N LEU A 11 17.07 17.12 -11.74
CA LEU A 11 17.41 17.49 -10.36
C LEU A 11 16.39 16.92 -9.34
N VAL A 12 16.88 16.08 -8.40
CA VAL A 12 16.11 15.38 -7.34
C VAL A 12 15.02 16.29 -6.69
N GLY A 13 13.76 15.85 -6.79
CA GLY A 13 12.61 16.57 -6.29
C GLY A 13 12.49 16.59 -4.78
N PRO A 14 11.58 17.41 -4.21
CA PRO A 14 11.40 17.40 -2.75
C PRO A 14 10.88 16.06 -2.26
N SER A 15 11.03 15.80 -0.95
CA SER A 15 10.58 14.57 -0.31
C SER A 15 9.92 14.90 1.01
N CYS A 16 9.10 13.97 1.53
CA CYS A 16 8.44 14.13 2.83
C CYS A 16 8.23 12.78 3.53
N VAL A 17 8.10 12.82 4.87
CA VAL A 17 7.95 11.64 5.71
C VAL A 17 6.46 11.38 5.92
N MET A 18 6.07 10.16 6.37
CA MET A 18 4.63 9.90 6.49
C MET A 18 3.94 10.72 7.59
N ASP A 19 4.65 11.09 8.69
CA ASP A 19 4.06 11.92 9.75
C ASP A 19 3.77 13.35 9.27
N ASP A 20 4.32 13.78 8.11
CA ASP A 20 4.01 15.12 7.56
C ASP A 20 2.55 15.22 7.10
N PHE A 21 1.94 14.08 6.74
CA PHE A 21 0.54 14.06 6.30
C PHE A 21 -0.47 14.11 7.47
N ARG A 22 0.04 13.98 8.72
CA ARG A 22 -0.79 14.03 9.95
C ARG A 22 -1.30 15.43 10.27
N ASP A 23 -0.56 16.49 9.92
CA ASP A 23 -0.92 17.89 10.15
C ASP A 23 -1.59 18.47 8.90
N PRO A 24 -2.93 18.57 8.80
CA PRO A 24 -3.55 19.06 7.55
C PRO A 24 -3.25 20.51 7.19
N GLN A 25 -3.17 21.42 8.20
CA GLN A 25 -2.89 22.85 7.96
C GLN A 25 -1.48 23.05 7.35
N ARG A 26 -0.43 22.46 7.96
CA ARG A 26 0.94 22.54 7.47
C ARG A 26 1.08 21.89 6.07
N TRP A 27 0.36 20.75 5.86
CA TRP A 27 0.37 20.01 4.61
C TRP A 27 -0.21 20.87 3.49
N LYS A 28 -1.41 21.46 3.67
CA LYS A 28 -2.05 22.33 2.66
C LYS A 28 -1.13 23.50 2.25
N GLU A 29 -0.33 24.01 3.21
CA GLU A 29 0.68 25.07 3.03
C GLU A 29 1.88 24.54 2.23
N CYS A 30 2.43 23.36 2.61
CA CYS A 30 3.53 22.70 1.89
C CYS A 30 3.13 22.40 0.44
N ALA A 31 1.86 21.96 0.23
CA ALA A 31 1.32 21.64 -1.08
C ALA A 31 1.31 22.86 -2.01
N LYS A 32 0.93 24.05 -1.47
CA LYS A 32 0.88 25.34 -2.19
C LYS A 32 2.26 25.74 -2.77
N GLN A 33 3.33 25.37 -2.05
CA GLN A 33 4.71 25.61 -2.42
C GLN A 33 5.35 24.38 -3.17
N GLY A 34 4.52 23.38 -3.50
CA GLY A 34 4.94 22.15 -4.17
C GLY A 34 5.93 21.28 -3.43
N LYS A 35 5.99 21.37 -2.08
CA LYS A 35 6.89 20.57 -1.24
C LYS A 35 6.25 19.26 -0.76
N MET A 36 4.92 19.14 -0.92
CA MET A 36 4.10 17.97 -0.60
C MET A 36 3.05 17.74 -1.68
N PRO A 37 2.58 16.48 -1.89
CA PRO A 37 1.53 16.25 -2.90
C PRO A 37 0.23 16.94 -2.52
N CYS A 38 -0.66 17.09 -3.52
CA CYS A 38 -2.00 17.65 -3.36
C CYS A 38 -2.72 16.99 -2.18
N TYR A 39 -3.59 17.77 -1.50
CA TYR A 39 -4.34 17.31 -0.35
C TYR A 39 -5.32 16.16 -0.70
N PHE A 40 -5.51 15.24 0.25
CA PHE A 40 -6.45 14.12 0.21
C PHE A 40 -6.82 13.81 1.68
N ASP A 41 -7.94 13.09 1.91
CA ASP A 41 -8.36 12.76 3.27
CA ASP A 41 -8.36 12.75 3.28
C ASP A 41 -7.59 11.54 3.76
N LEU A 42 -6.70 11.75 4.73
CA LEU A 42 -5.88 10.67 5.27
C LEU A 42 -6.71 9.76 6.17
N ILE A 43 -6.78 8.45 5.82
CA ILE A 43 -7.51 7.43 6.59
C ILE A 43 -6.56 6.27 6.90
N GLU A 44 -6.80 5.57 8.01
CA GLU A 44 -5.96 4.45 8.45
C GLU A 44 -6.65 3.11 8.24
N GLU A 45 -7.93 3.16 7.88
CA GLU A 45 -8.71 1.96 7.63
C GLU A 45 -9.67 2.19 6.49
N ASN A 46 -9.96 1.12 5.73
CA ASN A 46 -10.93 1.14 4.63
C ASN A 46 -12.30 1.62 5.11
N VAL A 47 -12.95 2.43 4.29
CA VAL A 47 -14.30 2.92 4.60
C VAL A 47 -15.20 2.33 3.54
N TYR A 48 -16.25 1.64 3.95
CA TYR A 48 -17.19 1.05 3.00
C TYR A 48 -18.25 2.07 2.67
N LEU A 49 -18.39 2.39 1.37
CA LEU A 49 -19.35 3.41 0.91
C LEU A 49 -20.82 3.01 1.21
N THR A 50 -21.14 1.68 1.19
CA THR A 50 -22.47 1.13 1.52
C THR A 50 -22.31 -0.22 2.26
N MET A 64 -10.71 -18.53 14.64
CA MET A 64 -9.87 -19.57 15.24
C MET A 64 -8.38 -19.17 15.33
N GLN A 65 -7.72 -19.57 16.43
CA GLN A 65 -6.31 -19.31 16.68
C GLN A 65 -5.40 -20.31 15.97
N CYS A 66 -4.15 -19.89 15.69
CA CYS A 66 -3.12 -20.75 15.07
C CYS A 66 -2.67 -21.83 16.12
N GLU A 67 -1.65 -22.63 15.77
CA GLU A 67 -1.17 -23.70 16.67
C GLU A 67 0.29 -23.49 17.10
N CYS A 68 0.84 -22.27 16.89
CA CYS A 68 2.20 -21.92 17.31
C CYS A 68 2.28 -22.11 18.84
N THR A 69 3.39 -22.71 19.32
CA THR A 69 3.63 -22.91 20.75
C THR A 69 4.11 -21.55 21.29
N PRO A 70 3.55 -21.03 22.42
CA PRO A 70 4.01 -19.73 22.94
C PRO A 70 5.50 -19.70 23.24
N LEU A 71 6.16 -18.58 22.90
CA LEU A 71 7.58 -18.39 23.16
C LEU A 71 7.75 -18.07 24.65
N SER A 72 8.87 -18.51 25.25
CA SER A 72 9.17 -18.25 26.65
C SER A 72 9.79 -16.87 26.79
N LYS A 73 9.89 -16.33 28.06
CA LYS A 73 10.51 -15.02 28.32
C LYS A 73 11.95 -15.03 27.83
N ASP A 74 12.63 -16.18 27.95
CA ASP A 74 14.01 -16.39 27.50
C ASP A 74 14.08 -16.38 25.98
N GLU A 75 13.15 -17.11 25.32
CA GLU A 75 13.03 -17.18 23.86
C GLU A 75 12.83 -15.78 23.21
N ARG A 76 11.94 -14.94 23.81
CA ARG A 76 11.67 -13.57 23.36
C ARG A 76 12.92 -12.70 23.54
N ALA A 77 13.54 -12.76 24.74
CA ALA A 77 14.77 -12.04 25.08
C ALA A 77 15.93 -12.45 24.15
N GLN A 78 15.97 -13.76 23.75
CA GLN A 78 16.96 -14.34 22.84
C GLN A 78 16.82 -13.87 21.38
N GLY A 79 15.64 -13.35 21.01
CA GLY A 79 15.35 -12.82 19.68
C GLY A 79 14.48 -13.69 18.77
N GLU A 80 13.95 -14.82 19.29
CA GLU A 80 13.08 -15.75 18.53
C GLU A 80 11.80 -15.05 18.03
N ILE A 81 11.29 -15.49 16.87
CA ILE A 81 10.12 -14.92 16.21
C ILE A 81 8.83 -15.67 16.60
N ALA A 82 7.84 -14.92 17.11
CA ALA A 82 6.52 -15.41 17.49
C ALA A 82 5.60 -15.37 16.25
N CYS A 83 5.02 -16.55 15.86
CA CYS A 83 4.16 -16.69 14.68
C CYS A 83 4.95 -16.33 13.40
N GLY A 84 6.03 -17.07 13.20
CA GLY A 84 6.90 -16.94 12.03
C GLY A 84 6.34 -17.66 10.83
N GLU A 85 7.20 -18.00 9.88
CA GLU A 85 6.86 -18.64 8.60
C GLU A 85 6.07 -19.95 8.73
N ASP A 86 6.21 -20.67 9.85
CA ASP A 86 5.48 -21.93 10.05
C ASP A 86 4.09 -21.70 10.71
N CYS A 87 3.73 -20.43 11.05
CA CYS A 87 2.42 -20.11 11.64
C CYS A 87 1.30 -20.46 10.65
N LEU A 88 0.31 -21.29 11.08
CA LEU A 88 -0.84 -21.75 10.30
C LEU A 88 -1.70 -20.58 9.78
N ASN A 89 -1.75 -19.46 10.54
CA ASN A 89 -2.51 -18.27 10.14
C ASN A 89 -1.74 -17.54 9.05
N ARG A 90 -0.44 -17.25 9.31
CA ARG A 90 0.45 -16.59 8.36
C ARG A 90 0.47 -17.35 7.01
N LEU A 91 0.57 -18.69 7.07
CA LEU A 91 0.60 -19.57 5.88
C LEU A 91 -0.64 -19.44 4.99
N LEU A 92 -1.79 -19.07 5.55
CA LEU A 92 -3.00 -18.86 4.76
C LEU A 92 -3.27 -17.39 4.54
N MET A 93 -2.28 -16.53 4.83
CA MET A 93 -2.37 -15.07 4.71
C MET A 93 -3.57 -14.53 5.53
N ILE A 94 -3.64 -15.01 6.78
CA ILE A 94 -4.60 -14.61 7.80
C ILE A 94 -3.80 -14.03 8.94
N GLU A 95 -4.22 -12.86 9.44
CA GLU A 95 -3.54 -12.29 10.60
C GLU A 95 -4.14 -12.86 11.88
N CYS A 96 -3.32 -12.99 12.93
CA CYS A 96 -3.77 -13.44 14.25
C CYS A 96 -4.54 -12.30 14.91
N SER A 97 -5.39 -12.66 15.88
CA SER A 97 -6.16 -11.71 16.68
C SER A 97 -5.46 -11.53 18.02
N SER A 98 -6.08 -10.72 18.92
CA SER A 98 -5.56 -10.50 20.29
C SER A 98 -5.47 -11.81 21.08
N ARG A 99 -6.23 -12.86 20.67
CA ARG A 99 -6.29 -14.16 21.32
C ARG A 99 -5.17 -15.11 20.87
N CYS A 100 -4.25 -14.64 20.02
CA CYS A 100 -3.12 -15.47 19.59
C CYS A 100 -2.43 -16.12 20.80
N PRO A 101 -2.01 -17.42 20.74
CA PRO A 101 -1.26 -18.02 21.87
C PRO A 101 0.00 -17.22 22.23
N ASN A 102 0.63 -16.55 21.24
CA ASN A 102 1.80 -15.71 21.50
C ASN A 102 1.46 -14.31 22.07
N GLY A 103 0.17 -13.98 22.19
CA GLY A 103 -0.32 -12.70 22.69
C GLY A 103 0.35 -11.49 22.08
N ASP A 104 0.96 -10.64 22.94
CA ASP A 104 1.65 -9.40 22.56
C ASP A 104 2.82 -9.61 21.64
N TYR A 105 3.52 -10.75 21.76
CA TYR A 105 4.68 -11.09 20.95
C TYR A 105 4.37 -11.35 19.47
N CYS A 106 3.16 -11.81 19.15
CA CYS A 106 2.78 -12.18 17.77
C CYS A 106 3.27 -11.17 16.69
N SER A 107 4.12 -11.67 15.77
CA SER A 107 4.66 -10.87 14.66
C SER A 107 3.69 -10.93 13.45
N ASN A 108 2.57 -11.65 13.60
CA ASN A 108 1.63 -11.80 12.52
C ASN A 108 0.38 -10.89 12.69
N ARG A 109 0.59 -9.63 13.08
CA ARG A 109 -0.52 -8.67 13.24
C ARG A 109 -0.11 -7.31 12.64
N ARG A 110 0.67 -7.35 11.56
CA ARG A 110 1.28 -6.20 10.88
C ARG A 110 0.27 -5.17 10.39
N PHE A 111 -0.84 -5.60 9.74
CA PHE A 111 -1.90 -4.69 9.27
C PHE A 111 -2.55 -3.97 10.43
N GLN A 112 -2.94 -4.73 11.48
CA GLN A 112 -3.61 -4.25 12.69
C GLN A 112 -2.71 -3.36 13.52
N ARG A 113 -1.42 -3.71 13.63
CA ARG A 113 -0.48 -2.90 14.41
C ARG A 113 0.19 -1.80 13.60
N LYS A 114 -0.17 -1.68 12.30
CA LYS A 114 0.41 -0.67 11.40
C LYS A 114 1.96 -0.78 11.43
N GLN A 115 2.50 -2.00 11.32
CA GLN A 115 3.96 -2.22 11.33
C GLN A 115 4.48 -1.99 9.91
N HIS A 116 4.38 -0.72 9.44
N HIS A 116 4.42 -0.73 9.47
CA HIS A 116 4.77 -0.31 8.10
CA HIS A 116 4.79 -0.26 8.13
C HIS A 116 6.29 -0.19 7.93
C HIS A 116 6.30 -0.17 7.94
N ALA A 117 6.76 -0.29 6.68
CA ALA A 117 8.17 -0.13 6.34
C ALA A 117 8.47 1.39 6.42
N ASP A 118 9.76 1.75 6.62
CA ASP A 118 10.12 3.17 6.73
C ASP A 118 10.25 3.68 5.28
N VAL A 119 9.24 4.40 4.81
CA VAL A 119 9.24 4.87 3.43
C VAL A 119 8.98 6.37 3.39
N GLU A 120 9.41 7.01 2.31
CA GLU A 120 9.18 8.43 2.15
C GLU A 120 8.45 8.66 0.84
N VAL A 121 7.70 9.76 0.76
CA VAL A 121 6.99 10.21 -0.42
C VAL A 121 7.88 11.25 -1.16
N ILE A 122 8.18 11.01 -2.44
CA ILE A 122 9.08 11.84 -3.26
C ILE A 122 8.45 12.30 -4.56
N LEU A 123 8.91 13.45 -5.08
CA LEU A 123 8.47 13.91 -6.38
C LEU A 123 9.37 13.27 -7.44
N THR A 124 8.76 12.52 -8.36
CA THR A 124 9.53 11.88 -9.44
C THR A 124 9.58 12.85 -10.64
N GLU A 125 10.44 12.54 -11.60
CA GLU A 125 10.66 13.32 -12.81
C GLU A 125 9.40 13.42 -13.66
N LYS A 126 8.70 12.28 -13.91
CA LYS A 126 7.55 12.32 -14.82
C LYS A 126 6.30 11.56 -14.37
N LYS A 127 6.32 10.89 -13.20
CA LYS A 127 5.20 10.05 -12.78
C LYS A 127 4.34 10.66 -11.68
N GLY A 128 4.67 11.88 -11.26
CA GLY A 128 4.08 12.57 -10.13
C GLY A 128 4.80 12.14 -8.87
N TRP A 129 4.10 12.07 -7.76
CA TRP A 129 4.70 11.62 -6.51
C TRP A 129 4.86 10.07 -6.47
N GLY A 130 5.83 9.62 -5.69
CA GLY A 130 6.13 8.20 -5.56
C GLY A 130 6.53 7.86 -4.13
N LEU A 131 6.92 6.61 -3.90
CA LEU A 131 7.37 6.13 -2.60
C LEU A 131 8.79 5.61 -2.73
N ARG A 132 9.59 5.81 -1.70
CA ARG A 132 10.96 5.26 -1.71
C ARG A 132 11.33 4.79 -0.36
N ALA A 133 12.15 3.74 -0.32
CA ALA A 133 12.64 3.13 0.91
C ALA A 133 13.53 4.15 1.61
N ALA A 134 13.29 4.39 2.91
CA ALA A 134 14.14 5.32 3.67
C ALA A 134 15.21 4.52 4.46
N LYS A 135 15.08 3.19 4.41
CA LYS A 135 15.99 2.22 4.99
C LYS A 135 16.00 1.03 4.05
N ASP A 136 17.01 0.16 4.15
CA ASP A 136 17.08 -1.08 3.38
C ASP A 136 15.86 -1.93 3.76
N LEU A 137 15.16 -2.48 2.76
CA LEU A 137 13.98 -3.28 3.04
C LEU A 137 14.22 -4.71 2.59
N PRO A 138 14.25 -5.68 3.53
CA PRO A 138 14.42 -7.10 3.13
C PRO A 138 13.33 -7.61 2.20
N SER A 139 13.59 -8.73 1.50
CA SER A 139 12.59 -9.38 0.65
C SER A 139 11.39 -9.82 1.51
N ASN A 140 10.17 -9.73 0.97
CA ASN A 140 8.89 -10.08 1.65
C ASN A 140 8.64 -9.22 2.94
N THR A 141 8.87 -7.90 2.85
CA THR A 141 8.66 -6.93 3.92
C THR A 141 7.33 -6.24 3.64
N PHE A 142 6.48 -6.14 4.68
CA PHE A 142 5.20 -5.43 4.61
C PHE A 142 5.52 -3.92 4.48
N VAL A 143 5.02 -3.28 3.41
CA VAL A 143 5.28 -1.86 3.16
C VAL A 143 4.17 -1.05 3.81
N LEU A 144 2.94 -1.08 3.25
CA LEU A 144 1.78 -0.32 3.74
C LEU A 144 0.53 -1.05 3.35
N GLU A 145 -0.57 -0.76 4.03
CA GLU A 145 -1.85 -1.28 3.61
C GLU A 145 -2.38 -0.31 2.53
N TYR A 146 -3.01 -0.83 1.48
CA TYR A 146 -3.66 0.01 0.48
C TYR A 146 -5.08 0.32 1.00
N CYS A 147 -5.27 1.50 1.59
CA CYS A 147 -6.58 1.92 2.12
C CYS A 147 -7.33 2.84 1.16
N GLY A 148 -8.65 2.90 1.32
CA GLY A 148 -9.51 3.80 0.56
C GLY A 148 -10.98 3.56 0.83
N GLU A 149 -11.82 4.14 -0.03
CA GLU A 149 -13.28 3.93 -0.01
C GLU A 149 -13.56 2.62 -0.77
N VAL A 150 -14.26 1.67 -0.15
CA VAL A 150 -14.56 0.39 -0.77
C VAL A 150 -15.90 0.54 -1.52
N LEU A 151 -15.87 0.23 -2.82
CA LEU A 151 -17.00 0.39 -3.71
C LEU A 151 -17.51 -0.92 -4.24
N ASP A 152 -18.82 -0.95 -4.59
CA ASP A 152 -19.38 -2.11 -5.30
C ASP A 152 -19.11 -1.88 -6.81
N HIS A 153 -19.38 -2.90 -7.66
CA HIS A 153 -19.14 -2.82 -9.10
C HIS A 153 -19.86 -1.62 -9.76
N LYS A 154 -21.05 -1.25 -9.26
CA LYS A 154 -21.85 -0.15 -9.79
C LYS A 154 -21.20 1.18 -9.47
N GLU A 155 -20.86 1.43 -8.18
CA GLU A 155 -20.18 2.65 -7.71
CA GLU A 155 -20.22 2.69 -7.81
C GLU A 155 -18.82 2.80 -8.46
N PHE A 156 -18.10 1.68 -8.65
CA PHE A 156 -16.80 1.68 -9.34
C PHE A 156 -16.93 2.21 -10.78
N LYS A 157 -17.89 1.71 -11.56
CA LYS A 157 -18.10 2.13 -12.95
C LYS A 157 -18.52 3.60 -13.03
N ALA A 158 -19.37 4.04 -12.09
CA ALA A 158 -19.82 5.43 -11.95
C ALA A 158 -18.63 6.34 -11.70
N ARG A 159 -17.70 5.91 -10.85
CA ARG A 159 -16.53 6.74 -10.57
C ARG A 159 -15.51 6.72 -11.71
N VAL A 160 -15.42 5.62 -12.46
CA VAL A 160 -14.50 5.61 -13.63
C VAL A 160 -14.97 6.71 -14.59
N LYS A 161 -16.29 6.79 -14.84
CA LYS A 161 -16.86 7.77 -15.76
C LYS A 161 -16.71 9.19 -15.22
N GLU A 162 -16.93 9.40 -13.91
CA GLU A 162 -16.77 10.72 -13.29
C GLU A 162 -15.29 11.21 -13.36
N TYR A 163 -14.33 10.32 -13.06
CA TYR A 163 -12.91 10.68 -13.10
C TYR A 163 -12.46 10.93 -14.56
N ALA A 164 -13.02 10.21 -15.55
CA ALA A 164 -12.73 10.48 -16.97
C ALA A 164 -13.25 11.87 -17.39
N ARG A 165 -14.49 12.20 -16.97
CA ARG A 165 -15.17 13.46 -17.22
C ARG A 165 -14.40 14.64 -16.60
N ASN A 166 -13.89 14.46 -15.38
CA ASN A 166 -13.12 15.47 -14.67
C ASN A 166 -11.68 15.56 -15.14
N LYS A 167 -11.29 14.72 -16.14
CA LYS A 167 -9.97 14.65 -16.75
C LYS A 167 -8.86 14.40 -15.71
N ASN A 168 -9.15 13.52 -14.72
CA ASN A 168 -8.15 13.14 -13.70
C ASN A 168 -6.95 12.52 -14.41
N ILE A 169 -5.73 12.80 -13.93
CA ILE A 169 -4.54 12.24 -14.56
C ILE A 169 -4.19 10.91 -13.88
N HIS A 170 -4.15 10.89 -12.54
CA HIS A 170 -3.77 9.69 -11.79
C HIS A 170 -4.95 8.80 -11.41
N TYR A 171 -4.69 7.49 -11.41
CA TYR A 171 -5.63 6.41 -11.11
C TYR A 171 -5.33 5.82 -9.74
N TYR A 172 -6.39 5.54 -8.92
CA TYR A 172 -6.20 5.05 -7.54
C TYR A 172 -7.12 3.88 -7.15
N PHE A 173 -7.63 3.15 -8.15
CA PHE A 173 -8.47 1.99 -7.88
C PHE A 173 -7.62 0.76 -7.68
N MET A 174 -8.08 -0.13 -6.81
CA MET A 174 -7.40 -1.38 -6.52
C MET A 174 -8.46 -2.44 -6.27
N ALA A 175 -8.42 -3.54 -7.04
CA ALA A 175 -9.35 -4.67 -6.85
C ALA A 175 -9.10 -5.31 -5.48
N LEU A 176 -10.17 -5.57 -4.75
CA LEU A 176 -10.11 -6.22 -3.45
C LEU A 176 -10.69 -7.63 -3.56
N LYS A 177 -11.97 -7.74 -3.90
CA LYS A 177 -12.67 -9.03 -4.12
C LYS A 177 -13.89 -8.75 -4.99
N ASN A 178 -14.67 -9.80 -5.32
CA ASN A 178 -15.89 -9.66 -6.13
C ASN A 178 -16.79 -8.59 -5.47
N ASP A 179 -17.15 -7.56 -6.24
CA ASP A 179 -18.01 -6.45 -5.79
C ASP A 179 -17.36 -5.59 -4.71
N GLU A 180 -16.01 -5.56 -4.64
CA GLU A 180 -15.26 -4.70 -3.71
C GLU A 180 -14.01 -4.16 -4.41
N ILE A 181 -14.06 -2.85 -4.72
CA ILE A 181 -12.98 -2.13 -5.37
C ILE A 181 -12.61 -0.98 -4.46
N ILE A 182 -11.32 -0.89 -4.10
CA ILE A 182 -10.85 0.20 -3.24
C ILE A 182 -10.55 1.40 -4.13
N ASP A 183 -11.01 2.56 -3.71
CA ASP A 183 -10.73 3.80 -4.45
C ASP A 183 -10.01 4.75 -3.47
N ALA A 184 -8.71 5.03 -3.69
CA ALA A 184 -7.95 5.95 -2.84
C ALA A 184 -7.84 7.36 -3.47
N THR A 185 -8.71 7.70 -4.45
CA THR A 185 -8.67 8.98 -5.15
C THR A 185 -8.87 10.13 -4.20
N GLN A 186 -9.91 10.04 -3.35
CA GLN A 186 -10.33 11.08 -2.41
C GLN A 186 -9.86 10.82 -0.99
N LYS A 187 -9.98 9.55 -0.50
CA LYS A 187 -9.59 9.09 0.84
C LYS A 187 -8.63 7.91 0.69
N GLY A 188 -7.54 7.94 1.43
CA GLY A 188 -6.54 6.89 1.41
C GLY A 188 -5.40 7.21 2.34
N ASN A 189 -4.22 6.60 2.08
CA ASN A 189 -3.01 6.84 2.86
C ASN A 189 -1.86 6.93 1.85
N CYS A 190 -0.61 6.95 2.29
CA CYS A 190 0.51 7.12 1.36
C CYS A 190 0.75 5.97 0.39
N SER A 191 0.07 4.78 0.58
CA SER A 191 0.14 3.66 -0.38
C SER A 191 -0.40 4.09 -1.77
N ARG A 192 -1.27 5.12 -1.81
CA ARG A 192 -1.86 5.66 -3.06
C ARG A 192 -0.79 6.25 -4.00
N PHE A 193 0.42 6.51 -3.45
CA PHE A 193 1.54 7.08 -4.23
C PHE A 193 2.44 6.04 -4.87
N MET A 194 2.22 4.72 -4.63
CA MET A 194 3.11 3.76 -5.28
C MET A 194 2.93 3.74 -6.81
N ASN A 195 4.04 3.89 -7.52
CA ASN A 195 4.03 3.91 -8.97
C ASN A 195 4.21 2.53 -9.58
N HIS A 196 3.89 2.43 -10.86
CA HIS A 196 4.01 1.24 -11.67
C HIS A 196 5.44 1.08 -12.21
N SER A 197 5.87 -0.18 -12.32
CA SER A 197 7.05 -0.60 -13.04
C SER A 197 6.82 -1.96 -13.73
N CYS A 198 7.39 -2.09 -14.92
CA CYS A 198 7.37 -3.27 -15.76
C CYS A 198 8.36 -4.34 -15.18
N GLU A 199 9.28 -3.92 -14.31
CA GLU A 199 10.26 -4.75 -13.60
C GLU A 199 10.17 -4.28 -12.13
N PRO A 200 9.07 -4.61 -11.42
CA PRO A 200 8.86 -4.06 -10.07
C PRO A 200 9.64 -4.72 -8.93
N ASN A 201 9.61 -4.10 -7.73
CA ASN A 201 10.25 -4.61 -6.51
C ASN A 201 9.24 -4.82 -5.35
N CYS A 202 7.94 -4.62 -5.61
CA CYS A 202 6.84 -4.84 -4.68
C CYS A 202 5.69 -5.57 -5.37
N GLU A 203 4.73 -6.08 -4.57
CA GLU A 203 3.51 -6.73 -5.05
C GLU A 203 2.38 -6.46 -4.08
N THR A 204 1.15 -6.68 -4.51
CA THR A 204 0.01 -6.64 -3.59
C THR A 204 -0.19 -8.07 -3.00
N GLN A 205 -0.68 -8.14 -1.76
CA GLN A 205 -1.08 -9.40 -1.11
C GLN A 205 -2.37 -9.13 -0.40
N LYS A 206 -3.32 -10.06 -0.56
CA LYS A 206 -4.61 -9.95 0.09
C LYS A 206 -4.57 -10.76 1.38
N TRP A 207 -4.82 -10.07 2.52
CA TRP A 207 -4.76 -10.65 3.85
C TRP A 207 -6.09 -10.57 4.58
N THR A 208 -6.45 -11.66 5.27
CA THR A 208 -7.69 -11.72 6.03
C THR A 208 -7.43 -11.20 7.42
N VAL A 209 -8.20 -10.21 7.82
CA VAL A 209 -8.08 -9.59 9.15
C VAL A 209 -9.49 -9.55 9.73
N ASN A 210 -9.73 -10.33 10.79
CA ASN A 210 -11.06 -10.46 11.45
C ASN A 210 -12.15 -10.92 10.45
N GLY A 211 -11.83 -11.91 9.62
CA GLY A 211 -12.75 -12.42 8.62
C GLY A 211 -13.01 -11.50 7.44
N GLN A 212 -12.28 -10.36 7.35
CA GLN A 212 -12.43 -9.37 6.29
C GLN A 212 -11.10 -9.18 5.51
N LEU A 213 -11.23 -9.12 4.17
CA LEU A 213 -10.09 -9.01 3.28
C LEU A 213 -9.57 -7.59 3.16
N ARG A 214 -8.26 -7.46 3.30
CA ARG A 214 -7.52 -6.21 3.14
C ARG A 214 -6.42 -6.47 2.12
N VAL A 215 -5.83 -5.41 1.56
CA VAL A 215 -4.73 -5.52 0.61
C VAL A 215 -3.58 -4.62 1.05
N GLY A 216 -2.38 -5.15 0.98
CA GLY A 216 -1.16 -4.42 1.28
C GLY A 216 -0.09 -4.62 0.23
N PHE A 217 0.90 -3.73 0.24
CA PHE A 217 2.08 -3.81 -0.63
C PHE A 217 3.18 -4.51 0.16
N PHE A 218 3.94 -5.38 -0.52
CA PHE A 218 5.05 -6.15 0.08
C PHE A 218 6.22 -6.15 -0.88
N THR A 219 7.46 -5.99 -0.38
CA THR A 219 8.64 -6.06 -1.29
C THR A 219 8.80 -7.51 -1.79
N THR A 220 9.33 -7.70 -2.99
CA THR A 220 9.53 -9.04 -3.58
C THR A 220 11.03 -9.37 -3.71
N LYS A 221 11.88 -8.45 -3.29
CA LYS A 221 13.33 -8.56 -3.32
C LYS A 221 13.87 -7.55 -2.33
N LEU A 222 15.21 -7.57 -2.10
CA LEU A 222 15.86 -6.60 -1.22
C LEU A 222 15.69 -5.23 -1.86
N VAL A 223 15.21 -4.27 -1.09
CA VAL A 223 15.04 -2.91 -1.62
C VAL A 223 16.08 -2.00 -0.94
N PRO A 224 17.16 -1.60 -1.66
CA PRO A 224 18.16 -0.71 -1.04
C PRO A 224 17.56 0.62 -0.62
N SER A 225 18.12 1.23 0.44
CA SER A 225 17.68 2.54 0.92
C SER A 225 17.77 3.54 -0.25
N GLY A 226 16.80 4.45 -0.31
CA GLY A 226 16.76 5.45 -1.37
C GLY A 226 16.17 4.97 -2.69
N SER A 227 15.92 3.68 -2.85
CA SER A 227 15.31 3.14 -4.08
C SER A 227 13.79 3.35 -4.10
N GLU A 228 13.22 3.72 -5.26
CA GLU A 228 11.77 3.89 -5.39
C GLU A 228 11.08 2.53 -5.28
N LEU A 229 9.95 2.49 -4.60
CA LEU A 229 9.15 1.26 -4.47
C LEU A 229 8.12 1.22 -5.57
N THR A 230 8.07 0.10 -6.29
CA THR A 230 7.20 -0.04 -7.46
C THR A 230 6.47 -1.37 -7.46
N PHE A 231 5.36 -1.44 -8.19
CA PHE A 231 4.62 -2.69 -8.33
C PHE A 231 4.05 -2.73 -9.71
N ASP A 232 3.48 -3.88 -10.10
CA ASP A 232 2.87 -4.05 -11.41
C ASP A 232 1.40 -3.63 -11.29
N TYR A 233 1.09 -2.38 -11.68
CA TYR A 233 -0.26 -1.83 -11.53
C TYR A 233 -1.18 -2.40 -12.59
N GLN A 234 -1.89 -3.46 -12.21
CA GLN A 234 -2.79 -4.19 -13.08
C GLN A 234 -4.18 -3.58 -13.05
N PHE A 235 -4.44 -2.63 -13.95
CA PHE A 235 -5.75 -2.02 -14.02
C PHE A 235 -6.34 -2.21 -15.40
N GLN A 236 -7.67 -2.35 -15.44
CA GLN A 236 -8.43 -2.47 -16.66
C GLN A 236 -8.57 -1.09 -17.31
N ARG A 237 -8.09 -0.95 -18.55
CA ARG A 237 -8.16 0.27 -19.34
C ARG A 237 -9.52 0.18 -20.04
N TYR A 238 -10.44 1.07 -19.70
CA TYR A 238 -11.78 0.97 -20.27
C TYR A 238 -11.92 1.82 -21.55
N GLY A 239 -11.24 1.36 -22.62
CA GLY A 239 -11.20 1.98 -23.94
C GLY A 239 -10.58 3.36 -24.00
N LYS A 240 -9.98 3.81 -22.88
CA LYS A 240 -9.34 5.11 -22.73
C LYS A 240 -8.01 5.11 -23.47
N GLU A 241 -7.50 6.32 -23.84
CA GLU A 241 -6.21 6.49 -24.50
C GLU A 241 -5.12 6.01 -23.55
N ALA A 242 -4.21 5.18 -24.07
CA ALA A 242 -3.13 4.57 -23.31
C ALA A 242 -2.17 5.58 -22.67
N GLN A 243 -1.81 5.34 -21.40
CA GLN A 243 -0.86 6.14 -20.66
C GLN A 243 0.49 5.55 -20.91
N LYS A 244 1.44 6.39 -21.39
CA LYS A 244 2.81 5.93 -21.61
C LYS A 244 3.47 5.66 -20.26
N CYS A 245 4.30 4.65 -20.22
CA CYS A 245 4.99 4.24 -19.01
C CYS A 245 6.41 4.78 -18.98
N PHE A 246 6.81 5.42 -17.86
CA PHE A 246 8.13 6.02 -17.67
C PHE A 246 8.96 5.26 -16.63
N CYS A 247 8.77 3.93 -16.52
CA CYS A 247 9.47 3.13 -15.51
C CYS A 247 10.98 3.03 -15.81
N GLY A 248 11.34 3.18 -17.09
CA GLY A 248 12.73 3.16 -17.51
C GLY A 248 13.39 1.79 -17.51
N SER A 249 12.63 0.72 -17.26
CA SER A 249 13.10 -0.67 -17.25
C SER A 249 13.59 -1.06 -18.63
N ALA A 250 14.61 -1.94 -18.69
CA ALA A 250 15.13 -2.45 -19.97
C ALA A 250 14.00 -3.16 -20.73
N ASN A 251 13.13 -3.89 -20.01
CA ASN A 251 11.99 -4.62 -20.56
C ASN A 251 10.63 -3.87 -20.42
N CYS A 252 10.64 -2.53 -20.44
CA CYS A 252 9.42 -1.71 -20.31
C CYS A 252 8.42 -2.07 -21.39
N ARG A 253 7.15 -2.27 -21.01
CA ARG A 253 6.09 -2.59 -21.96
C ARG A 253 5.58 -1.36 -22.70
N GLY A 254 6.05 -0.18 -22.31
CA GLY A 254 5.70 1.08 -22.97
C GLY A 254 4.43 1.76 -22.51
N TYR A 255 3.45 0.98 -22.03
CA TYR A 255 2.15 1.54 -21.61
C TYR A 255 1.73 0.98 -20.25
N LEU A 256 0.86 1.72 -19.53
CA LEU A 256 0.34 1.31 -18.23
C LEU A 256 -0.94 0.47 -18.37
N GLY A 257 -1.25 -0.26 -17.31
CA GLY A 257 -2.48 -1.06 -17.23
C GLY A 257 -2.32 -2.49 -17.68
N GLY A 258 -3.11 -3.37 -17.06
CA GLY A 258 -3.11 -4.80 -17.35
C GLY A 258 -3.81 -5.14 -18.65
#